data_1XAP
#
_entry.id   1XAP
#
_cell.length_a   47.276
_cell.length_b   57.808
_cell.length_c   90.289
_cell.angle_alpha   90.00
_cell.angle_beta   90.00
_cell.angle_gamma   90.00
#
_symmetry.space_group_name_H-M   'P 21 21 21'
#
loop_
_entity.id
_entity.type
_entity.pdbx_description
1 polymer 'Retinoic acid receptor beta'
2 non-polymer '4-[(1E)-2-(5,5,8,8-TETRAMETHYL-5,6,7,8-TETRAHYDRONAPHTHALEN-2-YL)PROP-1-ENYL]BENZOIC ACID'
3 water water
#
_entity_poly.entity_id   1
_entity_poly.type   'polypeptide(L)'
_entity_poly.pdbx_seq_one_letter_code
;MGSSHHHHHHSSGLVPRGSHMESYEMTAELDDLTEKIRKAHQETFPSLCQLGKYTTNSSADHRVRLDLGLWDKFSELATK
CIIKIVEFAKRLPGFTGLTIADQITLLKAACLDILILRICTRYTPEQDTMTFSDGLTLNRTQMHNAGFGPLTDLVFTFAN
QLLPLEMDDTETGLLSAICLICGDRQDLEEPTKVDKLQEPLLEALKIYIRKRRPSKPHMFPKILMKITDLRSISAKGAER
VITLKMEIPGSMPPLIQEMLENSEGHE
;
_entity_poly.pdbx_strand_id   A
#
# COMPACT_ATOMS: atom_id res chain seq x y z
N ALA A 28 -5.67 -13.00 24.72
CA ALA A 28 -4.88 -14.12 24.14
C ALA A 28 -5.32 -14.41 22.71
N GLU A 29 -6.61 -14.19 22.45
CA GLU A 29 -7.17 -14.40 21.12
C GLU A 29 -6.81 -13.19 20.27
N LEU A 30 -6.55 -12.07 20.94
CA LEU A 30 -6.19 -10.84 20.24
C LEU A 30 -4.69 -10.85 19.99
N ASP A 31 -3.95 -11.55 20.84
CA ASP A 31 -2.50 -11.68 20.69
C ASP A 31 -2.28 -12.64 19.54
N ASP A 32 -3.21 -13.59 19.40
CA ASP A 32 -3.14 -14.59 18.36
C ASP A 32 -3.46 -13.94 17.01
N LEU A 33 -4.41 -13.03 17.00
CA LEU A 33 -4.81 -12.33 15.78
C LEU A 33 -3.68 -11.40 15.34
N THR A 34 -3.08 -10.71 16.30
CA THR A 34 -1.99 -9.79 16.02
C THR A 34 -0.83 -10.50 15.35
N GLU A 35 -0.46 -11.67 15.90
CA GLU A 35 0.65 -12.43 15.34
C GLU A 35 0.33 -12.89 13.91
N LYS A 36 -0.92 -13.25 13.67
CA LYS A 36 -1.34 -13.70 12.35
C LYS A 36 -1.30 -12.58 11.31
N ILE A 37 -1.65 -11.36 11.71
CA ILE A 37 -1.61 -10.25 10.76
C ILE A 37 -0.17 -9.89 10.44
N ARG A 38 0.66 -9.84 11.47
CA ARG A 38 2.07 -9.54 11.26
C ARG A 38 2.67 -10.50 10.24
N LYS A 39 2.36 -11.79 10.41
CA LYS A 39 2.86 -12.83 9.52
C LYS A 39 2.34 -12.67 8.10
N ALA A 40 1.06 -12.36 7.95
CA ALA A 40 0.47 -12.17 6.63
C ALA A 40 1.26 -11.08 5.91
N HIS A 41 1.61 -10.04 6.66
CA HIS A 41 2.35 -8.93 6.10
C HIS A 41 3.78 -9.31 5.76
N GLN A 42 4.51 -9.82 6.75
CA GLN A 42 5.90 -10.22 6.55
C GLN A 42 6.08 -11.16 5.38
N GLU A 43 5.18 -12.13 5.25
CA GLU A 43 5.27 -13.11 4.17
C GLU A 43 4.97 -12.57 2.76
N THR A 44 4.23 -11.48 2.67
CA THR A 44 3.89 -10.92 1.36
C THR A 44 4.58 -9.58 1.10
N PHE A 45 5.44 -9.16 2.02
CA PHE A 45 6.14 -7.89 1.87
C PHE A 45 7.60 -7.90 2.34
N PRO A 46 8.56 -8.03 1.40
CA PRO A 46 9.98 -8.05 1.75
C PRO A 46 10.41 -6.75 2.43
N SER A 47 11.08 -6.87 3.56
CA SER A 47 11.55 -5.70 4.29
C SER A 47 12.69 -5.03 3.52
N LEU A 48 12.88 -3.74 3.79
CA LEU A 48 13.93 -2.97 3.13
C LEU A 48 15.30 -3.51 3.50
N CYS A 49 15.44 -3.97 4.75
CA CYS A 49 16.69 -4.51 5.24
C CYS A 49 17.03 -5.89 4.69
N GLN A 50 16.02 -6.60 4.18
CA GLN A 50 16.25 -7.94 3.65
C GLN A 50 16.14 -7.94 2.14
N LEU A 51 16.49 -6.82 1.52
CA LEU A 51 16.41 -6.69 0.07
C LEU A 51 17.72 -6.15 -0.49
N GLY A 52 18.13 -6.67 -1.64
CA GLY A 52 19.36 -6.20 -2.27
C GLY A 52 19.02 -5.08 -3.22
N LYS A 53 19.32 -3.84 -2.82
CA LYS A 53 19.03 -2.65 -3.60
C LYS A 53 19.89 -2.49 -4.85
N TYR A 54 19.24 -2.12 -5.96
CA TYR A 54 19.94 -1.90 -7.22
C TYR A 54 19.32 -0.66 -7.88
N THR A 55 20.14 0.13 -8.55
CA THR A 55 19.68 1.36 -9.17
C THR A 55 19.70 1.32 -10.69
N THR A 56 19.31 2.45 -11.29
CA THR A 56 19.31 2.61 -12.73
C THR A 56 19.61 4.08 -13.00
N ASN A 57 20.18 4.39 -14.16
CA ASN A 57 20.49 5.78 -14.46
C ASN A 57 19.51 6.39 -15.46
N SER A 58 18.39 5.72 -15.69
CA SER A 58 17.37 6.21 -16.62
C SER A 58 16.76 7.50 -16.11
N SER A 59 16.89 8.57 -16.89
CA SER A 59 16.35 9.89 -16.55
C SER A 59 16.47 10.19 -15.06
N ALA A 60 17.62 9.86 -14.48
CA ALA A 60 17.85 10.06 -13.05
C ALA A 60 17.92 11.51 -12.55
N ASP A 61 18.38 12.44 -13.38
CA ASP A 61 18.51 13.82 -12.94
C ASP A 61 17.68 14.89 -13.66
N HIS A 62 16.73 14.46 -14.47
CA HIS A 62 15.87 15.42 -15.17
C HIS A 62 14.42 14.92 -15.18
N ARG A 63 13.50 15.75 -14.72
CA ARG A 63 12.11 15.36 -14.73
C ARG A 63 11.55 15.46 -16.15
N VAL A 64 10.80 14.44 -16.54
CA VAL A 64 10.19 14.39 -17.86
C VAL A 64 8.75 13.94 -17.68
N ARG A 65 7.93 14.12 -18.70
CA ARG A 65 6.53 13.74 -18.63
C ARG A 65 6.35 12.29 -18.22
N LEU A 66 7.00 11.38 -18.93
CA LEU A 66 6.89 9.95 -18.63
C LEU A 66 8.03 9.19 -19.30
N ASP A 67 8.81 8.45 -18.51
CA ASP A 67 9.91 7.66 -19.07
C ASP A 67 9.29 6.27 -19.28
N LEU A 68 8.97 5.94 -20.53
CA LEU A 68 8.34 4.65 -20.84
C LEU A 68 9.06 3.43 -20.30
N GLY A 69 10.39 3.48 -20.27
CA GLY A 69 11.15 2.35 -19.76
C GLY A 69 10.90 2.16 -18.27
N LEU A 70 10.84 3.26 -17.53
CA LEU A 70 10.58 3.23 -16.09
C LEU A 70 9.13 2.84 -15.86
N TRP A 71 8.24 3.30 -16.72
CA TRP A 71 6.82 2.94 -16.59
C TRP A 71 6.64 1.43 -16.80
N ASP A 72 7.33 0.85 -17.78
CA ASP A 72 7.19 -0.57 -18.02
C ASP A 72 7.60 -1.38 -16.79
N LYS A 73 8.72 -1.01 -16.19
CA LYS A 73 9.23 -1.70 -15.02
C LYS A 73 8.32 -1.46 -13.80
N PHE A 74 7.94 -0.20 -13.61
CA PHE A 74 7.07 0.18 -12.50
C PHE A 74 5.72 -0.53 -12.56
N SER A 75 5.05 -0.46 -13.71
CA SER A 75 3.73 -1.09 -13.83
C SER A 75 3.81 -2.60 -13.64
N GLU A 76 4.93 -3.17 -14.09
CA GLU A 76 5.18 -4.60 -13.95
C GLU A 76 5.21 -4.95 -12.46
N LEU A 77 5.98 -4.18 -11.69
CA LEU A 77 6.10 -4.40 -10.25
C LEU A 77 4.77 -4.11 -9.52
N ALA A 78 3.97 -3.21 -10.09
CA ALA A 78 2.68 -2.86 -9.50
C ALA A 78 1.76 -4.09 -9.56
N THR A 79 1.81 -4.79 -10.69
CA THR A 79 1.01 -5.98 -10.91
C THR A 79 1.37 -7.08 -9.92
N LYS A 80 2.68 -7.23 -9.69
CA LYS A 80 3.14 -8.24 -8.75
C LYS A 80 2.72 -7.88 -7.34
N CYS A 81 2.78 -6.60 -6.99
CA CYS A 81 2.42 -6.21 -5.64
C CYS A 81 0.92 -6.33 -5.39
N ILE A 82 0.12 -6.07 -6.42
CA ILE A 82 -1.32 -6.20 -6.29
C ILE A 82 -1.61 -7.68 -5.95
N ILE A 83 -0.98 -8.59 -6.68
CA ILE A 83 -1.18 -10.02 -6.44
C ILE A 83 -0.80 -10.36 -5.00
N LYS A 84 0.30 -9.77 -4.51
CA LYS A 84 0.75 -10.01 -3.14
C LYS A 84 -0.25 -9.43 -2.13
N ILE A 85 -0.91 -8.34 -2.50
CA ILE A 85 -1.89 -7.74 -1.59
C ILE A 85 -3.09 -8.68 -1.45
N VAL A 86 -3.51 -9.29 -2.56
CA VAL A 86 -4.63 -10.22 -2.53
C VAL A 86 -4.23 -11.40 -1.63
N GLU A 87 -2.97 -11.81 -1.71
CA GLU A 87 -2.49 -12.92 -0.91
C GLU A 87 -2.52 -12.54 0.57
N PHE A 88 -2.16 -11.30 0.85
CA PHE A 88 -2.15 -10.79 2.21
C PHE A 88 -3.58 -10.86 2.75
N ALA A 89 -4.53 -10.37 1.96
CA ALA A 89 -5.93 -10.36 2.33
C ALA A 89 -6.44 -11.77 2.63
N LYS A 90 -6.07 -12.73 1.77
CA LYS A 90 -6.47 -14.13 1.96
C LYS A 90 -5.98 -14.69 3.28
N ARG A 91 -4.80 -14.26 3.72
CA ARG A 91 -4.21 -14.73 4.96
C ARG A 91 -4.85 -14.11 6.21
N LEU A 92 -5.67 -13.08 6.01
CA LEU A 92 -6.32 -12.43 7.13
C LEU A 92 -7.48 -13.26 7.66
N PRO A 93 -7.47 -13.58 8.96
CA PRO A 93 -8.52 -14.38 9.60
C PRO A 93 -9.92 -13.84 9.32
N GLY A 94 -10.77 -14.69 8.74
CA GLY A 94 -12.13 -14.28 8.46
C GLY A 94 -12.39 -13.78 7.05
N PHE A 95 -11.36 -13.23 6.41
CA PHE A 95 -11.52 -12.72 5.07
C PHE A 95 -12.09 -13.79 4.13
N THR A 96 -11.56 -15.00 4.24
CA THR A 96 -12.02 -16.12 3.42
C THR A 96 -13.51 -16.35 3.65
N GLY A 97 -13.94 -16.10 4.87
CA GLY A 97 -15.34 -16.29 5.22
C GLY A 97 -16.31 -15.46 4.41
N LEU A 98 -15.95 -14.20 4.16
CA LEU A 98 -16.78 -13.29 3.37
C LEU A 98 -17.02 -13.88 1.99
N THR A 99 -18.03 -13.41 1.26
CA THR A 99 -18.26 -13.91 -0.08
C THR A 99 -17.20 -13.35 -1.01
N ILE A 100 -16.95 -14.02 -2.15
CA ILE A 100 -15.95 -13.55 -3.10
C ILE A 100 -16.29 -12.15 -3.62
N ALA A 101 -17.59 -11.89 -3.74
CA ALA A 101 -18.10 -10.61 -4.18
C ALA A 101 -17.62 -9.54 -3.21
N ASP A 102 -17.78 -9.81 -1.93
CA ASP A 102 -17.35 -8.87 -0.89
C ASP A 102 -15.83 -8.81 -0.83
N GLN A 103 -15.16 -9.94 -1.05
CA GLN A 103 -13.71 -9.97 -1.02
C GLN A 103 -13.18 -9.05 -2.11
N ILE A 104 -13.80 -9.14 -3.28
CA ILE A 104 -13.42 -8.33 -4.44
C ILE A 104 -13.72 -6.84 -4.23
N THR A 105 -14.86 -6.53 -3.62
CA THR A 105 -15.20 -5.13 -3.38
C THR A 105 -14.22 -4.49 -2.41
N LEU A 106 -13.91 -5.20 -1.33
CA LEU A 106 -12.98 -4.70 -0.33
C LEU A 106 -11.58 -4.46 -0.92
N LEU A 107 -11.11 -5.43 -1.69
CA LEU A 107 -9.80 -5.34 -2.32
C LEU A 107 -9.67 -4.16 -3.29
N LYS A 108 -10.66 -4.00 -4.17
CA LYS A 108 -10.65 -2.93 -5.15
C LYS A 108 -10.76 -1.55 -4.52
N ALA A 109 -11.40 -1.47 -3.36
CA ALA A 109 -11.54 -0.20 -2.70
C ALA A 109 -10.29 0.22 -1.92
N ALA A 110 -9.54 -0.77 -1.43
CA ALA A 110 -8.36 -0.47 -0.62
C ALA A 110 -6.98 -0.79 -1.21
N CYS A 111 -6.95 -1.40 -2.39
CA CYS A 111 -5.67 -1.77 -2.99
C CYS A 111 -4.64 -0.66 -3.17
N LEU A 112 -5.05 0.46 -3.79
CA LEU A 112 -4.11 1.57 -4.00
C LEU A 112 -3.59 2.09 -2.66
N ASP A 113 -4.49 2.23 -1.69
CA ASP A 113 -4.12 2.68 -0.35
C ASP A 113 -2.93 1.86 0.12
N ILE A 114 -3.11 0.53 0.08
CA ILE A 114 -2.09 -0.41 0.54
C ILE A 114 -0.83 -0.39 -0.33
N LEU A 115 -0.99 -0.23 -1.63
CA LEU A 115 0.18 -0.17 -2.52
C LEU A 115 1.00 1.08 -2.15
N ILE A 116 0.31 2.18 -1.88
CA ILE A 116 0.95 3.44 -1.51
C ILE A 116 1.69 3.32 -0.17
N LEU A 117 1.04 2.71 0.80
CA LEU A 117 1.64 2.53 2.12
C LEU A 117 2.88 1.64 2.01
N ARG A 118 2.78 0.59 1.22
CA ARG A 118 3.90 -0.33 1.05
C ARG A 118 5.16 0.32 0.49
N ILE A 119 5.03 1.04 -0.63
CA ILE A 119 6.19 1.67 -1.23
C ILE A 119 6.76 2.75 -0.30
N CYS A 120 5.88 3.46 0.41
CA CYS A 120 6.33 4.50 1.33
C CYS A 120 7.07 3.92 2.54
N THR A 121 6.87 2.63 2.81
CA THR A 121 7.57 2.02 3.93
C THR A 121 9.02 1.63 3.56
N ARG A 122 9.40 1.80 2.30
CA ARG A 122 10.76 1.48 1.85
C ARG A 122 11.46 2.77 1.42
N TYR A 123 11.19 3.85 2.14
CA TYR A 123 11.78 5.14 1.86
C TYR A 123 13.09 5.32 2.61
N THR A 124 14.16 5.65 1.87
CA THR A 124 15.48 5.88 2.44
C THR A 124 15.71 7.38 2.34
N PRO A 125 15.45 8.12 3.43
CA PRO A 125 15.62 9.57 3.49
C PRO A 125 16.98 10.14 3.10
N GLU A 126 18.08 9.50 3.52
CA GLU A 126 19.41 10.00 3.17
C GLU A 126 19.60 10.12 1.67
N GLN A 127 19.14 9.11 0.94
CA GLN A 127 19.24 9.09 -0.51
C GLN A 127 17.98 9.58 -1.23
N ASP A 128 16.94 9.93 -0.46
CA ASP A 128 15.69 10.39 -1.07
C ASP A 128 15.22 9.42 -2.15
N THR A 129 15.16 8.13 -1.80
CA THR A 129 14.71 7.10 -2.75
C THR A 129 13.67 6.18 -2.13
N MET A 130 13.03 5.38 -2.97
CA MET A 130 12.06 4.38 -2.52
C MET A 130 12.42 3.10 -3.24
N THR A 131 12.38 1.98 -2.52
CA THR A 131 12.73 0.69 -3.09
C THR A 131 11.53 -0.24 -3.28
N PHE A 132 11.45 -0.86 -4.45
CA PHE A 132 10.37 -1.78 -4.77
C PHE A 132 10.73 -3.21 -4.31
N SER A 133 9.77 -4.11 -4.40
CA SER A 133 9.93 -5.50 -3.94
C SER A 133 11.08 -6.33 -4.46
N ASP A 134 11.63 -5.94 -5.61
CA ASP A 134 12.73 -6.69 -6.19
C ASP A 134 14.07 -6.00 -5.96
N GLY A 135 14.06 -4.92 -5.17
CA GLY A 135 15.29 -4.21 -4.92
C GLY A 135 15.50 -2.97 -5.77
N LEU A 136 14.64 -2.77 -6.78
CA LEU A 136 14.75 -1.58 -7.63
C LEU A 136 14.59 -0.35 -6.73
N THR A 137 15.61 0.50 -6.73
CA THR A 137 15.62 1.71 -5.90
C THR A 137 15.69 2.92 -6.80
N LEU A 138 14.64 3.74 -6.79
CA LEU A 138 14.58 4.94 -7.63
C LEU A 138 14.62 6.20 -6.79
N ASN A 139 15.22 7.26 -7.33
CA ASN A 139 15.24 8.51 -6.59
C ASN A 139 13.91 9.21 -6.89
N ARG A 140 13.70 10.39 -6.29
CA ARG A 140 12.46 11.14 -6.47
C ARG A 140 12.14 11.44 -7.92
N THR A 141 13.16 11.84 -8.66
CA THR A 141 13.01 12.17 -10.07
C THR A 141 12.54 10.96 -10.87
N GLN A 142 13.13 9.80 -10.60
CA GLN A 142 12.77 8.58 -11.30
C GLN A 142 11.36 8.12 -10.91
N MET A 143 10.98 8.34 -9.65
CA MET A 143 9.63 7.98 -9.20
C MET A 143 8.65 8.85 -10.00
N HIS A 144 9.00 10.12 -10.14
CA HIS A 144 8.16 11.05 -10.88
C HIS A 144 8.05 10.60 -12.34
N ASN A 145 9.19 10.26 -12.93
CA ASN A 145 9.25 9.84 -14.34
C ASN A 145 8.67 8.46 -14.62
N ALA A 146 8.59 7.62 -13.60
CA ALA A 146 8.04 6.28 -13.77
C ALA A 146 6.52 6.29 -13.85
N GLY A 147 5.91 7.41 -13.47
CA GLY A 147 4.46 7.49 -13.51
C GLY A 147 3.80 8.28 -12.39
N PHE A 148 4.49 8.53 -11.29
CA PHE A 148 3.89 9.28 -10.19
C PHE A 148 3.57 10.72 -10.58
N GLY A 149 4.38 11.27 -11.49
CA GLY A 149 4.16 12.62 -11.97
C GLY A 149 3.85 13.67 -10.93
N PRO A 150 2.77 14.45 -11.11
CA PRO A 150 2.36 15.51 -10.18
C PRO A 150 2.02 15.02 -8.78
N LEU A 151 1.99 13.71 -8.58
CA LEU A 151 1.70 13.16 -7.27
C LEU A 151 2.97 12.77 -6.50
N THR A 152 4.12 12.93 -7.15
CA THR A 152 5.40 12.55 -6.56
C THR A 152 5.75 13.18 -5.21
N ASP A 153 5.74 14.50 -5.14
CA ASP A 153 6.09 15.17 -3.91
C ASP A 153 5.10 14.86 -2.81
N LEU A 154 3.83 14.71 -3.18
CA LEU A 154 2.81 14.39 -2.21
C LEU A 154 3.12 13.02 -1.59
N VAL A 155 3.57 12.07 -2.40
CA VAL A 155 3.87 10.73 -1.92
C VAL A 155 5.11 10.73 -1.03
N PHE A 156 6.15 11.47 -1.42
CA PHE A 156 7.36 11.55 -0.63
C PHE A 156 7.07 12.25 0.70
N THR A 157 6.20 13.25 0.69
CA THR A 157 5.88 13.93 1.94
C THR A 157 5.19 12.95 2.89
N PHE A 158 4.36 12.06 2.35
CA PHE A 158 3.66 11.06 3.17
C PHE A 158 4.71 10.14 3.77
N ALA A 159 5.63 9.69 2.92
CA ALA A 159 6.70 8.80 3.38
C ALA A 159 7.52 9.46 4.48
N ASN A 160 7.90 10.72 4.26
CA ASN A 160 8.69 11.45 5.25
C ASN A 160 7.98 11.58 6.61
N GLN A 161 6.67 11.81 6.56
CA GLN A 161 5.88 11.97 7.77
C GLN A 161 5.59 10.64 8.45
N LEU A 162 5.95 9.56 7.76
CA LEU A 162 5.75 8.22 8.27
C LEU A 162 6.90 7.81 9.18
N LEU A 163 8.10 8.25 8.82
CA LEU A 163 9.34 7.94 9.54
C LEU A 163 9.32 8.13 11.05
N PRO A 164 8.91 9.31 11.55
CA PRO A 164 8.86 9.59 12.98
C PRO A 164 8.04 8.58 13.78
N LEU A 165 7.14 7.87 13.11
CA LEU A 165 6.30 6.88 13.78
C LEU A 165 7.05 5.58 14.04
N GLU A 166 8.13 5.35 13.31
CA GLU A 166 8.93 4.14 13.49
C GLU A 166 8.08 2.88 13.62
N MET A 167 7.27 2.59 12.62
CA MET A 167 6.41 1.42 12.67
C MET A 167 7.12 0.14 12.28
N ASP A 168 6.63 -0.99 12.78
CA ASP A 168 7.23 -2.27 12.45
C ASP A 168 6.27 -3.12 11.63
N ASP A 169 6.67 -4.37 11.37
CA ASP A 169 5.85 -5.29 10.57
C ASP A 169 4.40 -5.42 11.02
N THR A 170 4.19 -5.68 12.31
CA THR A 170 2.82 -5.86 12.80
C THR A 170 1.96 -4.60 12.78
N GLU A 171 2.55 -3.43 13.00
CA GLU A 171 1.77 -2.20 12.95
C GLU A 171 1.39 -1.86 11.51
N THR A 172 2.32 -2.10 10.60
CA THR A 172 2.08 -1.83 9.18
C THR A 172 1.06 -2.81 8.66
N GLY A 173 1.14 -4.04 9.17
CA GLY A 173 0.20 -5.07 8.78
C GLY A 173 -1.20 -4.81 9.32
N LEU A 174 -1.27 -4.34 10.56
CA LEU A 174 -2.56 -4.05 11.17
C LEU A 174 -3.19 -2.84 10.48
N LEU A 175 -2.36 -1.90 10.07
CA LEU A 175 -2.82 -0.70 9.38
C LEU A 175 -3.36 -1.10 8.01
N SER A 176 -2.67 -2.02 7.33
CA SER A 176 -3.10 -2.49 6.02
C SER A 176 -4.45 -3.20 6.15
N ALA A 177 -4.58 -4.03 7.18
CA ALA A 177 -5.81 -4.77 7.43
C ALA A 177 -6.96 -3.81 7.77
N ILE A 178 -6.65 -2.75 8.51
CA ILE A 178 -7.67 -1.78 8.88
C ILE A 178 -8.14 -1.04 7.63
N CYS A 179 -7.23 -0.77 6.69
CA CYS A 179 -7.60 -0.11 5.44
C CYS A 179 -8.50 -1.03 4.61
N LEU A 180 -8.20 -2.33 4.67
CA LEU A 180 -8.94 -3.31 3.91
C LEU A 180 -10.31 -3.67 4.46
N ILE A 181 -10.34 -4.20 5.68
CA ILE A 181 -11.60 -4.62 6.30
C ILE A 181 -12.46 -3.44 6.72
N CYS A 182 -13.19 -2.85 5.78
CA CYS A 182 -14.05 -1.72 6.07
C CYS A 182 -15.47 -2.07 5.66
N GLY A 183 -16.33 -2.26 6.66
CA GLY A 183 -17.71 -2.64 6.39
C GLY A 183 -18.66 -1.61 5.81
N ASP A 184 -18.20 -0.39 5.58
CA ASP A 184 -19.10 0.62 5.02
C ASP A 184 -18.91 0.83 3.52
N ARG A 185 -18.02 0.05 2.91
CA ARG A 185 -17.77 0.16 1.48
C ARG A 185 -19.10 -0.07 0.77
N GLN A 186 -19.31 0.62 -0.36
CA GLN A 186 -20.55 0.44 -1.09
C GLN A 186 -20.59 -0.90 -1.81
N ASP A 187 -21.79 -1.41 -2.02
CA ASP A 187 -21.98 -2.69 -2.71
C ASP A 187 -21.61 -3.93 -1.92
N LEU A 188 -21.44 -3.79 -0.60
CA LEU A 188 -21.11 -4.94 0.22
C LEU A 188 -22.36 -5.79 0.44
N GLU A 189 -22.25 -7.09 0.21
CA GLU A 189 -23.39 -7.99 0.40
C GLU A 189 -23.63 -8.23 1.88
N GLU A 190 -22.57 -8.19 2.66
CA GLU A 190 -22.68 -8.40 4.10
C GLU A 190 -21.86 -7.35 4.85
N PRO A 191 -22.33 -6.09 4.83
CA PRO A 191 -21.64 -4.99 5.51
C PRO A 191 -21.46 -5.22 7.01
N THR A 192 -22.49 -5.74 7.67
CA THR A 192 -22.44 -5.99 9.10
C THR A 192 -21.42 -7.06 9.47
N LYS A 193 -21.25 -8.07 8.62
CA LYS A 193 -20.28 -9.11 8.91
C LYS A 193 -18.87 -8.54 8.80
N VAL A 194 -18.69 -7.59 7.88
CA VAL A 194 -17.39 -6.97 7.68
C VAL A 194 -17.05 -6.11 8.90
N ASP A 195 -18.02 -5.33 9.38
CA ASP A 195 -17.82 -4.48 10.55
C ASP A 195 -17.25 -5.28 11.72
N LYS A 196 -17.85 -6.43 11.98
CA LYS A 196 -17.42 -7.29 13.08
C LYS A 196 -16.01 -7.85 12.89
N LEU A 197 -15.57 -7.97 11.65
CA LEU A 197 -14.24 -8.50 11.37
C LEU A 197 -13.20 -7.40 11.66
N GLN A 198 -13.56 -6.14 11.43
CA GLN A 198 -12.64 -5.03 11.69
C GLN A 198 -12.60 -4.65 13.17
N GLU A 199 -13.69 -4.91 13.88
CA GLU A 199 -13.80 -4.57 15.29
C GLU A 199 -12.54 -4.93 16.10
N PRO A 200 -12.05 -6.17 15.99
CA PRO A 200 -10.86 -6.62 16.73
C PRO A 200 -9.56 -5.92 16.31
N LEU A 201 -9.51 -5.42 15.09
CA LEU A 201 -8.31 -4.75 14.56
C LEU A 201 -7.88 -3.51 15.34
N LEU A 202 -8.80 -2.56 15.55
CA LEU A 202 -8.47 -1.35 16.28
C LEU A 202 -7.92 -1.66 17.69
N GLU A 203 -8.57 -2.59 18.39
CA GLU A 203 -8.13 -2.98 19.72
C GLU A 203 -6.73 -3.58 19.64
N ALA A 204 -6.56 -4.55 18.74
CA ALA A 204 -5.27 -5.20 18.55
C ALA A 204 -4.17 -4.15 18.37
N LEU A 205 -4.42 -3.17 17.51
CA LEU A 205 -3.43 -2.11 17.27
C LEU A 205 -3.22 -1.28 18.54
N LYS A 206 -4.32 -0.95 19.21
CA LYS A 206 -4.28 -0.18 20.44
C LYS A 206 -3.32 -0.84 21.43
N ILE A 207 -3.62 -2.09 21.75
CA ILE A 207 -2.82 -2.88 22.69
C ILE A 207 -1.36 -3.04 22.28
N TYR A 208 -1.12 -3.39 21.03
CA TYR A 208 0.26 -3.57 20.58
C TYR A 208 1.09 -2.30 20.72
N ILE A 209 0.56 -1.18 20.23
CA ILE A 209 1.26 0.10 20.29
C ILE A 209 1.74 0.45 21.70
N ARG A 210 0.90 0.20 22.69
CA ARG A 210 1.26 0.51 24.05
C ARG A 210 2.16 -0.54 24.68
N LYS A 211 2.14 -1.78 24.18
CA LYS A 211 3.01 -2.81 24.77
C LYS A 211 4.42 -2.70 24.21
N ARG A 212 4.54 -2.26 22.97
CA ARG A 212 5.84 -2.13 22.32
C ARG A 212 6.64 -0.86 22.67
N ARG A 213 6.12 0.32 22.26
CA ARG A 213 6.86 1.57 22.48
C ARG A 213 6.01 2.55 23.30
N PRO A 214 5.98 2.41 24.63
CA PRO A 214 5.24 3.34 25.50
C PRO A 214 5.92 4.72 25.52
N HIS A 218 0.93 9.04 22.26
CA HIS A 218 0.02 9.53 21.23
C HIS A 218 0.18 8.80 19.89
N MET A 219 0.84 7.65 19.91
CA MET A 219 1.06 6.87 18.69
C MET A 219 -0.21 6.30 18.07
N PHE A 220 -1.17 5.90 18.89
CA PHE A 220 -2.41 5.32 18.37
C PHE A 220 -3.13 6.24 17.39
N PRO A 221 -3.51 7.47 17.82
CA PRO A 221 -4.20 8.35 16.89
C PRO A 221 -3.35 8.81 15.69
N LYS A 222 -2.06 8.98 15.92
CA LYS A 222 -1.17 9.41 14.84
C LYS A 222 -1.10 8.38 13.71
N ILE A 223 -1.04 7.11 14.06
CA ILE A 223 -1.00 6.06 13.05
C ILE A 223 -2.36 5.98 12.35
N LEU A 224 -3.43 6.15 13.11
CA LEU A 224 -4.79 6.09 12.56
C LEU A 224 -5.08 7.26 11.65
N MET A 225 -4.55 8.43 11.96
CA MET A 225 -4.76 9.61 11.13
C MET A 225 -4.17 9.40 9.74
N LYS A 226 -3.15 8.57 9.65
CA LYS A 226 -2.48 8.27 8.39
C LYS A 226 -3.43 7.65 7.37
N ILE A 227 -4.46 6.97 7.85
CA ILE A 227 -5.42 6.34 6.95
C ILE A 227 -6.05 7.43 6.09
N THR A 228 -6.37 8.56 6.71
CA THR A 228 -6.96 9.69 6.00
C THR A 228 -6.02 10.19 4.92
N ASP A 229 -4.75 10.41 5.30
CA ASP A 229 -3.74 10.88 4.36
C ASP A 229 -3.67 9.92 3.19
N LEU A 230 -3.73 8.63 3.50
CA LEU A 230 -3.66 7.56 2.52
C LEU A 230 -4.82 7.63 1.54
N ARG A 231 -6.05 7.71 2.05
CA ARG A 231 -7.25 7.80 1.22
C ARG A 231 -7.17 9.03 0.31
N SER A 232 -6.71 10.13 0.87
CA SER A 232 -6.58 11.38 0.13
C SER A 232 -5.68 11.18 -1.10
N ILE A 233 -4.58 10.47 -0.90
CA ILE A 233 -3.65 10.21 -1.99
C ILE A 233 -4.24 9.24 -3.01
N SER A 234 -4.78 8.12 -2.54
CA SER A 234 -5.34 7.14 -3.47
C SER A 234 -6.48 7.72 -4.30
N ALA A 235 -7.19 8.72 -3.76
CA ALA A 235 -8.30 9.35 -4.47
C ALA A 235 -7.79 10.06 -5.71
N LYS A 236 -6.56 10.57 -5.63
CA LYS A 236 -5.96 11.26 -6.77
C LYS A 236 -5.53 10.28 -7.87
N GLY A 237 -5.61 8.98 -7.58
CA GLY A 237 -5.22 7.98 -8.56
C GLY A 237 -6.15 7.85 -9.76
N ALA A 238 -7.44 8.10 -9.55
CA ALA A 238 -8.42 8.00 -10.62
C ALA A 238 -8.06 8.87 -11.81
N GLU A 239 -7.70 10.13 -11.56
CA GLU A 239 -7.32 11.01 -12.67
C GLU A 239 -5.95 10.61 -13.21
N ARG A 240 -5.04 10.24 -12.31
CA ARG A 240 -3.70 9.85 -12.75
C ARG A 240 -3.71 8.68 -13.74
N VAL A 241 -4.51 7.65 -13.48
CA VAL A 241 -4.56 6.51 -14.40
C VAL A 241 -5.07 6.95 -15.76
N ILE A 242 -6.09 7.81 -15.77
CA ILE A 242 -6.66 8.30 -17.03
C ILE A 242 -5.57 9.03 -17.80
N THR A 243 -4.80 9.85 -17.09
CA THR A 243 -3.71 10.60 -17.71
C THR A 243 -2.66 9.65 -18.28
N LEU A 244 -2.27 8.65 -17.50
CA LEU A 244 -1.27 7.69 -17.96
C LEU A 244 -1.78 6.96 -19.22
N LYS A 245 -3.03 6.51 -19.19
CA LYS A 245 -3.61 5.80 -20.33
C LYS A 245 -3.49 6.65 -21.60
N MET A 246 -3.74 7.95 -21.46
CA MET A 246 -3.66 8.85 -22.58
C MET A 246 -2.21 9.02 -23.09
N GLU A 247 -1.24 8.79 -22.20
CA GLU A 247 0.17 8.96 -22.55
C GLU A 247 0.92 7.72 -23.07
N ILE A 248 0.64 6.55 -22.52
CA ILE A 248 1.36 5.35 -22.96
C ILE A 248 0.94 4.85 -24.35
N PRO A 249 1.88 4.23 -25.08
CA PRO A 249 1.59 3.72 -26.42
C PRO A 249 0.89 2.36 -26.35
N GLY A 250 1.17 1.62 -25.27
CA GLY A 250 0.58 0.31 -25.10
C GLY A 250 -0.71 0.34 -24.30
N SER A 251 -1.00 -0.76 -23.62
CA SER A 251 -2.20 -0.87 -22.83
C SER A 251 -1.90 -0.84 -21.34
N MET A 252 -2.89 -0.43 -20.56
CA MET A 252 -2.78 -0.37 -19.11
C MET A 252 -2.86 -1.82 -18.59
N PRO A 253 -1.85 -2.26 -17.82
CA PRO A 253 -1.87 -3.63 -17.29
C PRO A 253 -3.23 -4.03 -16.71
N PRO A 254 -3.74 -5.21 -17.08
CA PRO A 254 -5.04 -5.74 -16.64
C PRO A 254 -5.40 -5.63 -15.16
N LEU A 255 -4.46 -5.94 -14.27
CA LEU A 255 -4.77 -5.86 -12.85
C LEU A 255 -4.84 -4.42 -12.35
N ILE A 256 -4.06 -3.53 -12.95
CA ILE A 256 -4.10 -2.13 -12.55
C ILE A 256 -5.46 -1.63 -13.05
N GLN A 257 -5.76 -2.02 -14.28
CA GLN A 257 -7.03 -1.64 -14.90
C GLN A 257 -8.16 -2.06 -13.96
N GLU A 258 -8.16 -3.34 -13.56
CA GLU A 258 -9.19 -3.86 -12.67
C GLU A 258 -9.27 -3.10 -11.35
N MET A 259 -8.10 -2.75 -10.81
CA MET A 259 -8.03 -2.03 -9.55
C MET A 259 -8.75 -0.69 -9.57
N LEU A 260 -8.46 0.14 -10.57
CA LEU A 260 -9.07 1.46 -10.66
C LEU A 260 -10.35 1.43 -11.50
N GLU A 261 -10.70 0.25 -12.02
CA GLU A 261 -11.89 0.09 -12.83
C GLU A 261 -13.12 0.05 -11.93
N ASN A 262 -13.75 1.21 -11.75
CA ASN A 262 -14.93 1.31 -10.89
C ASN A 262 -15.68 2.60 -11.17
#